data_1XE7
#
_entry.id   1XE7
#
_cell.length_a   206.800
_cell.length_b   206.800
_cell.length_c   206.800
_cell.angle_alpha   90.00
_cell.angle_beta   90.00
_cell.angle_gamma   90.00
#
_symmetry.space_group_name_H-M   'I 4 3 2'
#
loop_
_entity.id
_entity.type
_entity.pdbx_description
1 polymer 'Hypothetical 22.5 kDa protein in TUB1-CPR3 intergenic region'
2 non-polymer GUANINE
3 non-polymer 1,2-ETHANEDIOL
4 non-polymer 'ACETIC ACID'
5 water water
#
_entity_poly.entity_id   1
_entity_poly.type   'polypeptide(L)'
_entity_poly.pdbx_seq_one_letter_code
;MSANVQEAANAAIEPASFVKVPMPEPPSSLQQLINDWQLIKHREGGYFKETDRSPYTMEVEKPVNGGSGNTEMVTRNQST
LIYYLLTPDSPIGKFHKNINRIIHILQRGKGQYVLVYPDGQVKSFKVGFDYKNGEVSQWVVPGGVFKASFLLPNEEFDNG
FLISEVVVPGFDFEDHTFLKGEDELKHLVGPEKAAELAFLAHH
;
_entity_poly.pdbx_strand_id   A,B,C
#
loop_
_chem_comp.id
_chem_comp.type
_chem_comp.name
_chem_comp.formula
ACY non-polymer 'ACETIC ACID' 'C2 H4 O2'
EDO non-polymer 1,2-ETHANEDIOL 'C2 H6 O2'
GUN non-polymer GUANINE 'C5 H5 N5 O'
#
# COMPACT_ATOMS: atom_id res chain seq x y z
N ALA A 9 -2.69 13.31 1.68
CA ALA A 9 -2.89 14.69 1.18
C ALA A 9 -3.69 15.53 2.17
N ASN A 10 -3.20 16.73 2.48
CA ASN A 10 -3.89 17.60 3.42
C ASN A 10 -5.32 17.83 2.98
N ALA A 11 -6.20 18.07 3.95
CA ALA A 11 -7.60 18.30 3.66
C ALA A 11 -8.15 19.44 4.51
N ALA A 12 -9.00 20.25 3.90
CA ALA A 12 -9.61 21.35 4.60
C ALA A 12 -10.62 20.75 5.58
N ILE A 13 -10.73 21.37 6.75
CA ILE A 13 -11.67 20.91 7.77
C ILE A 13 -12.97 21.69 7.59
N GLU A 14 -13.90 21.10 6.86
CA GLU A 14 -15.19 21.72 6.56
C GLU A 14 -16.34 20.76 6.91
N PRO A 15 -16.58 20.55 8.21
CA PRO A 15 -17.64 19.66 8.71
C PRO A 15 -19.00 19.96 8.07
N ALA A 16 -19.70 18.92 7.63
CA ALA A 16 -21.01 19.10 7.03
C ALA A 16 -22.04 19.47 8.09
N SER A 17 -23.23 19.82 7.66
CA SER A 17 -24.30 20.21 8.57
C SER A 17 -24.55 19.21 9.69
N PHE A 18 -24.74 17.94 9.34
CA PHE A 18 -25.01 16.94 10.36
C PHE A 18 -23.83 16.56 11.24
N VAL A 19 -22.67 17.15 11.00
CA VAL A 19 -21.50 16.89 11.84
C VAL A 19 -21.51 17.94 12.94
N LYS A 20 -21.77 19.18 12.56
CA LYS A 20 -21.83 20.28 13.52
C LYS A 20 -23.07 20.11 14.40
N VAL A 21 -24.13 19.58 13.80
CA VAL A 21 -25.40 19.34 14.50
C VAL A 21 -25.88 17.92 14.21
N PRO A 22 -25.42 16.96 15.02
CA PRO A 22 -25.80 15.55 14.84
C PRO A 22 -27.30 15.36 14.73
N MET A 23 -27.70 14.42 13.88
CA MET A 23 -29.12 14.12 13.69
C MET A 23 -29.52 13.17 14.80
N PRO A 24 -30.79 13.20 15.22
CA PRO A 24 -31.23 12.30 16.30
C PRO A 24 -31.16 10.83 15.97
N GLU A 25 -31.34 10.48 14.69
CA GLU A 25 -31.31 9.09 14.27
C GLU A 25 -30.54 8.91 12.97
N PRO A 26 -29.93 7.73 12.78
CA PRO A 26 -29.17 7.46 11.56
C PRO A 26 -30.10 6.81 10.53
N PRO A 27 -29.64 6.72 9.27
CA PRO A 27 -30.48 6.10 8.25
C PRO A 27 -30.80 4.68 8.74
N SER A 28 -31.98 4.17 8.42
CA SER A 28 -32.37 2.84 8.88
C SER A 28 -31.39 1.72 8.50
N SER A 29 -30.74 1.83 7.34
CA SER A 29 -29.79 0.81 6.92
C SER A 29 -28.64 0.68 7.92
N LEU A 30 -28.16 1.81 8.42
CA LEU A 30 -27.07 1.81 9.39
C LEU A 30 -27.56 1.36 10.76
N GLN A 31 -28.80 1.73 11.09
CA GLN A 31 -29.36 1.31 12.38
C GLN A 31 -29.44 -0.22 12.37
N GLN A 32 -29.83 -0.78 11.23
CA GLN A 32 -29.96 -2.24 11.08
C GLN A 32 -28.59 -2.89 11.25
N LEU A 33 -27.57 -2.27 10.67
CA LEU A 33 -26.20 -2.78 10.78
C LEU A 33 -25.79 -2.76 12.26
N ILE A 34 -26.09 -1.65 12.94
CA ILE A 34 -25.77 -1.51 14.34
C ILE A 34 -26.48 -2.60 15.18
N ASN A 35 -27.76 -2.81 14.91
CA ASN A 35 -28.52 -3.81 15.64
C ASN A 35 -28.09 -5.25 15.37
N ASP A 36 -27.94 -5.60 14.10
CA ASP A 36 -27.53 -6.96 13.76
C ASP A 36 -26.14 -7.32 14.28
N TRP A 37 -25.20 -6.40 14.16
CA TRP A 37 -23.83 -6.63 14.62
C TRP A 37 -23.65 -6.31 16.09
N GLN A 38 -24.70 -5.78 16.70
CA GLN A 38 -24.67 -5.41 18.11
C GLN A 38 -23.53 -4.45 18.43
N LEU A 39 -23.40 -3.41 17.61
CA LEU A 39 -22.36 -2.40 17.84
C LEU A 39 -22.84 -1.54 19.00
N ILE A 40 -21.91 -1.06 19.81
CA ILE A 40 -22.26 -0.22 20.95
C ILE A 40 -21.60 1.15 20.80
N LYS A 41 -22.17 2.15 21.47
CA LYS A 41 -21.59 3.48 21.39
C LYS A 41 -20.26 3.56 22.11
N HIS A 42 -19.24 4.08 21.41
CA HIS A 42 -17.90 4.23 21.99
C HIS A 42 -17.86 5.51 22.82
N ARG A 43 -17.02 5.53 23.83
CA ARG A 43 -16.91 6.70 24.72
C ARG A 43 -16.50 7.97 23.98
N GLU A 44 -15.77 7.81 22.88
CA GLU A 44 -15.31 8.96 22.10
C GLU A 44 -16.25 9.33 20.96
N GLY A 45 -17.36 8.61 20.85
CA GLY A 45 -18.31 8.87 19.78
C GLY A 45 -18.24 7.74 18.77
N GLY A 46 -19.31 7.55 18.00
CA GLY A 46 -19.33 6.51 17.01
C GLY A 46 -19.76 5.16 17.60
N TYR A 47 -19.90 4.15 16.74
CA TYR A 47 -20.29 2.82 17.20
C TYR A 47 -19.15 1.85 16.96
N PHE A 48 -19.02 0.84 17.80
CA PHE A 48 -17.92 -0.10 17.62
C PHE A 48 -18.16 -1.45 18.28
N LYS A 49 -17.26 -2.37 17.98
CA LYS A 49 -17.30 -3.69 18.59
C LYS A 49 -15.95 -4.38 18.38
N GLU A 50 -15.45 -4.96 19.45
CA GLU A 50 -14.19 -5.68 19.37
C GLU A 50 -14.58 -7.05 18.86
N THR A 51 -14.05 -7.42 17.69
CA THR A 51 -14.37 -8.70 17.07
C THR A 51 -13.26 -9.73 17.21
N ASP A 52 -12.09 -9.29 17.63
CA ASP A 52 -10.97 -10.21 17.83
C ASP A 52 -9.99 -9.68 18.85
N ARG A 53 -9.47 -10.59 19.67
CA ARG A 53 -8.49 -10.28 20.69
C ARG A 53 -7.66 -11.55 20.73
N SER A 54 -6.40 -11.44 20.31
CA SER A 54 -5.51 -12.58 20.22
C SER A 54 -5.43 -13.42 21.49
N PRO A 55 -5.33 -14.75 21.33
CA PRO A 55 -5.24 -15.70 22.44
C PRO A 55 -3.81 -15.67 22.98
N TYR A 56 -2.91 -15.08 22.19
CA TYR A 56 -1.51 -14.98 22.56
C TYR A 56 -1.25 -13.68 23.30
N THR A 57 -0.37 -13.73 24.30
CA THR A 57 -0.04 -12.55 25.07
C THR A 57 1.43 -12.16 24.90
N MET A 58 1.76 -10.94 25.32
CA MET A 58 3.12 -10.43 25.24
C MET A 58 3.39 -9.49 26.41
N GLU A 59 4.64 -9.44 26.87
CA GLU A 59 5.00 -8.57 27.96
C GLU A 59 5.68 -7.35 27.37
N VAL A 60 5.31 -6.17 27.85
CA VAL A 60 5.88 -4.94 27.33
C VAL A 60 6.24 -3.99 28.46
N GLU A 61 7.32 -3.24 28.25
CA GLU A 61 7.77 -2.26 29.23
C GLU A 61 6.90 -1.02 29.04
N LYS A 62 6.31 -0.54 30.12
CA LYS A 62 5.44 0.63 30.05
C LYS A 62 5.88 1.70 31.03
N PRO A 63 5.88 2.98 30.60
CA PRO A 63 6.28 4.07 31.48
C PRO A 63 5.22 4.33 32.56
N VAL A 64 5.65 4.33 33.81
CA VAL A 64 4.73 4.56 34.92
C VAL A 64 4.91 5.98 35.46
N MET A 73 6.67 -3.67 33.74
CA MET A 73 6.29 -4.74 32.83
C MET A 73 4.81 -5.11 32.97
N VAL A 74 4.09 -5.09 31.85
CA VAL A 74 2.68 -5.43 31.86
C VAL A 74 2.39 -6.49 30.78
N THR A 75 1.26 -7.17 30.90
CA THR A 75 0.89 -8.19 29.93
C THR A 75 -0.25 -7.67 29.06
N ARG A 76 -0.20 -7.98 27.78
CA ARG A 76 -1.22 -7.55 26.83
C ARG A 76 -1.47 -8.67 25.81
N ASN A 77 -2.64 -8.67 25.20
CA ASN A 77 -2.90 -9.65 24.17
C ASN A 77 -2.06 -9.11 23.02
N GLN A 78 -1.60 -9.97 22.12
CA GLN A 78 -0.77 -9.47 21.01
C GLN A 78 -1.49 -8.46 20.14
N SER A 79 -2.80 -8.63 19.98
CA SER A 79 -3.58 -7.69 19.14
C SER A 79 -5.07 -7.71 19.41
N THR A 80 -5.74 -6.64 18.98
CA THR A 80 -7.18 -6.52 19.08
C THR A 80 -7.66 -5.90 17.76
N LEU A 81 -8.88 -6.24 17.38
CA LEU A 81 -9.50 -5.77 16.16
C LEU A 81 -10.90 -5.26 16.45
N ILE A 82 -11.25 -4.10 15.90
CA ILE A 82 -12.60 -3.58 16.09
C ILE A 82 -13.17 -3.05 14.78
N TYR A 83 -14.50 -2.95 14.75
CA TYR A 83 -15.22 -2.36 13.63
C TYR A 83 -15.48 -1.00 14.27
N TYR A 84 -15.41 0.07 13.50
CA TYR A 84 -15.69 1.39 14.04
C TYR A 84 -16.53 2.12 12.99
N LEU A 85 -17.70 2.59 13.41
CA LEU A 85 -18.63 3.24 12.49
C LEU A 85 -19.10 4.62 12.94
N LEU A 86 -19.05 5.58 12.02
CA LEU A 86 -19.52 6.92 12.32
C LEU A 86 -20.81 7.05 11.53
N THR A 87 -21.79 7.73 12.10
CA THR A 87 -23.10 7.87 11.48
C THR A 87 -23.59 9.31 11.64
N PRO A 88 -24.67 9.68 10.92
CA PRO A 88 -25.19 11.04 11.04
C PRO A 88 -25.62 11.40 12.48
N ASP A 89 -25.95 10.40 13.29
CA ASP A 89 -26.37 10.67 14.67
C ASP A 89 -25.18 10.68 15.63
N SER A 90 -24.07 10.07 15.22
CA SER A 90 -22.85 10.05 16.03
C SER A 90 -21.77 10.14 14.96
N PRO A 91 -21.59 11.33 14.36
CA PRO A 91 -20.63 11.62 13.29
C PRO A 91 -19.22 11.99 13.70
N ILE A 92 -18.92 11.98 15.00
CA ILE A 92 -17.60 12.37 15.46
C ILE A 92 -16.91 11.43 16.42
N GLY A 93 -15.62 11.24 16.20
CA GLY A 93 -14.79 10.43 17.09
C GLY A 93 -13.92 11.48 17.74
N LYS A 94 -14.16 11.78 19.02
CA LYS A 94 -13.42 12.81 19.76
C LYS A 94 -11.95 12.51 19.96
N PHE A 95 -11.16 13.58 20.07
CA PHE A 95 -9.70 13.47 20.27
C PHE A 95 -9.30 12.55 21.41
N HIS A 96 -8.39 11.64 21.11
CA HIS A 96 -7.85 10.70 22.10
C HIS A 96 -6.58 10.12 21.52
N LYS A 97 -5.73 9.55 22.38
CA LYS A 97 -4.51 8.94 21.92
C LYS A 97 -4.28 7.61 22.61
N ASN A 98 -3.40 6.80 22.03
CA ASN A 98 -3.05 5.52 22.61
C ASN A 98 -1.53 5.46 22.59
N ILE A 99 -0.96 4.77 23.56
CA ILE A 99 0.49 4.64 23.64
C ILE A 99 0.97 3.88 22.40
N ASN A 100 0.12 3.01 21.88
CA ASN A 100 0.47 2.21 20.72
C ASN A 100 -0.03 2.75 19.40
N ARG A 101 0.67 2.39 18.32
CA ARG A 101 0.28 2.81 16.98
C ARG A 101 -0.96 2.03 16.58
N ILE A 102 -1.82 2.64 15.78
CA ILE A 102 -3.04 1.95 15.38
C ILE A 102 -3.18 1.91 13.86
N ILE A 103 -3.44 0.71 13.36
CA ILE A 103 -3.62 0.45 11.94
C ILE A 103 -5.11 0.63 11.61
N HIS A 104 -5.40 1.45 10.61
CA HIS A 104 -6.79 1.69 10.21
C HIS A 104 -7.00 1.23 8.79
N ILE A 105 -8.12 0.55 8.55
CA ILE A 105 -8.42 0.03 7.22
C ILE A 105 -9.84 0.40 6.84
N LEU A 106 -9.98 1.17 5.76
CA LEU A 106 -11.31 1.58 5.29
C LEU A 106 -12.07 0.42 4.70
N GLN A 107 -13.37 0.34 4.99
CA GLN A 107 -14.18 -0.71 4.41
C GLN A 107 -15.35 -0.12 3.61
N ARG A 108 -16.07 0.81 4.20
CA ARG A 108 -17.20 1.45 3.52
C ARG A 108 -17.36 2.92 3.85
N GLY A 109 -17.76 3.71 2.86
CA GLY A 109 -17.99 5.12 3.10
C GLY A 109 -16.81 6.06 3.01
N LYS A 110 -16.98 7.22 3.63
CA LYS A 110 -15.97 8.27 3.64
C LYS A 110 -15.89 9.02 4.96
N GLY A 111 -14.70 9.46 5.32
CA GLY A 111 -14.52 10.18 6.55
C GLY A 111 -13.27 11.03 6.50
N GLN A 112 -13.00 11.74 7.59
CA GLN A 112 -11.82 12.59 7.65
C GLN A 112 -11.17 12.49 9.02
N TYR A 113 -9.85 12.46 9.03
CA TYR A 113 -9.10 12.38 10.28
C TYR A 113 -8.35 13.66 10.54
N VAL A 114 -8.20 13.99 11.82
CA VAL A 114 -7.45 15.15 12.25
C VAL A 114 -6.48 14.66 13.31
N LEU A 115 -5.19 14.91 13.10
CA LEU A 115 -4.16 14.48 14.05
C LEU A 115 -3.45 15.66 14.68
N VAL A 116 -3.17 15.55 15.97
CA VAL A 116 -2.45 16.61 16.67
C VAL A 116 -1.24 15.98 17.34
N TYR A 117 -0.05 16.33 16.85
CA TYR A 117 1.19 15.78 17.39
C TYR A 117 1.59 16.48 18.69
N PRO A 118 2.39 15.79 19.54
CA PRO A 118 2.82 16.39 20.80
C PRO A 118 3.48 17.75 20.69
N ASP A 119 4.14 17.99 19.56
CA ASP A 119 4.80 19.26 19.32
C ASP A 119 3.82 20.35 18.91
N GLY A 120 2.57 19.96 18.66
CA GLY A 120 1.55 20.92 18.28
C GLY A 120 1.10 20.91 16.83
N GLN A 121 1.86 20.25 15.96
CA GLN A 121 1.47 20.21 14.55
C GLN A 121 0.13 19.51 14.35
N VAL A 122 -0.71 20.09 13.50
CA VAL A 122 -2.02 19.52 13.18
C VAL A 122 -2.01 19.02 11.74
N LYS A 123 -2.51 17.80 11.54
CA LYS A 123 -2.56 17.21 10.22
C LYS A 123 -3.98 16.70 9.96
N SER A 124 -4.46 16.83 8.73
CA SER A 124 -5.80 16.35 8.40
C SER A 124 -5.81 15.77 6.99
N PHE A 125 -6.47 14.62 6.85
CA PHE A 125 -6.57 13.95 5.55
C PHE A 125 -7.91 13.25 5.44
N LYS A 126 -8.33 13.01 4.20
CA LYS A 126 -9.61 12.35 3.95
C LYS A 126 -9.45 10.87 3.65
N VAL A 127 -10.43 10.10 4.10
CA VAL A 127 -10.45 8.65 3.89
C VAL A 127 -11.57 8.26 2.94
N GLY A 128 -11.23 7.45 1.95
CA GLY A 128 -12.19 7.01 0.96
C GLY A 128 -11.49 6.18 -0.09
N PHE A 129 -12.25 5.64 -1.05
CA PHE A 129 -11.65 4.82 -2.10
C PHE A 129 -11.25 5.58 -3.37
N ASP A 130 -11.38 6.91 -3.35
CA ASP A 130 -11.02 7.72 -4.51
C ASP A 130 -9.60 8.23 -4.30
N TYR A 131 -8.62 7.33 -4.43
CA TYR A 131 -7.22 7.69 -4.21
C TYR A 131 -6.72 8.70 -5.22
N LYS A 132 -7.34 8.76 -6.39
CA LYS A 132 -6.93 9.71 -7.41
C LYS A 132 -7.19 11.12 -6.92
N ASN A 133 -8.10 11.26 -5.96
CA ASN A 133 -8.42 12.55 -5.39
C ASN A 133 -7.85 12.77 -3.99
N GLY A 134 -6.77 12.05 -3.69
CA GLY A 134 -6.10 12.19 -2.41
C GLY A 134 -6.57 11.36 -1.23
N GLU A 135 -7.69 10.65 -1.39
CA GLU A 135 -8.23 9.82 -0.31
C GLU A 135 -7.39 8.57 -0.06
N VAL A 136 -7.30 8.14 1.19
CA VAL A 136 -6.55 6.93 1.51
C VAL A 136 -7.46 5.86 2.10
N SER A 137 -7.07 4.60 1.98
CA SER A 137 -7.88 3.50 2.49
C SER A 137 -7.15 2.66 3.54
N GLN A 138 -5.94 3.09 3.88
CA GLN A 138 -5.10 2.47 4.91
C GLN A 138 -4.31 3.60 5.52
N TRP A 139 -4.20 3.63 6.84
CA TRP A 139 -3.42 4.67 7.52
C TRP A 139 -3.04 4.24 8.92
N VAL A 140 -1.85 4.65 9.34
CA VAL A 140 -1.38 4.31 10.67
C VAL A 140 -1.20 5.59 11.47
N VAL A 141 -1.75 5.62 12.67
CA VAL A 141 -1.57 6.79 13.53
C VAL A 141 -0.58 6.34 14.59
N PRO A 142 0.60 7.00 14.64
CA PRO A 142 1.64 6.66 15.61
C PRO A 142 1.15 6.83 17.05
N GLY A 143 1.68 6.02 17.96
CA GLY A 143 1.30 6.14 19.35
C GLY A 143 1.65 7.53 19.86
N GLY A 144 0.88 8.03 20.82
CA GLY A 144 1.15 9.34 21.40
C GLY A 144 0.54 10.50 20.62
N VAL A 145 -0.01 10.21 19.45
CA VAL A 145 -0.61 11.24 18.61
C VAL A 145 -2.12 11.30 18.82
N PHE A 146 -2.63 12.48 19.16
CA PHE A 146 -4.07 12.65 19.36
C PHE A 146 -4.77 12.57 18.01
N LYS A 147 -5.87 11.83 17.97
N LYS A 147 -5.85 11.81 17.96
CA LYS A 147 -6.62 11.71 16.74
CA LYS A 147 -6.61 11.67 16.71
C LYS A 147 -8.10 11.89 16.97
C LYS A 147 -8.11 11.79 16.92
N ALA A 148 -8.78 12.40 15.95
CA ALA A 148 -10.22 12.58 15.99
C ALA A 148 -10.64 12.31 14.55
N SER A 149 -11.91 12.06 14.35
CA SER A 149 -12.40 11.80 13.01
C SER A 149 -13.83 12.23 12.90
N PHE A 150 -14.28 12.53 11.69
CA PHE A 150 -15.66 12.89 11.48
C PHE A 150 -16.14 12.36 10.15
N LEU A 151 -17.45 12.15 10.09
CA LEU A 151 -18.14 11.62 8.92
C LEU A 151 -18.14 12.60 7.76
N LEU A 152 -18.00 12.07 6.54
CA LEU A 152 -18.07 12.90 5.34
C LEU A 152 -19.30 12.39 4.59
N PRO A 153 -20.19 13.31 4.16
CA PRO A 153 -21.38 12.86 3.43
C PRO A 153 -20.98 12.00 2.23
N ASN A 154 -21.70 10.91 2.02
CA ASN A 154 -21.39 10.03 0.90
C ASN A 154 -22.59 9.15 0.59
N GLU A 155 -22.88 9.00 -0.69
CA GLU A 155 -24.02 8.20 -1.12
C GLU A 155 -23.70 6.72 -1.17
N GLU A 156 -22.43 6.37 -1.40
CA GLU A 156 -22.08 4.96 -1.52
C GLU A 156 -22.36 4.11 -0.29
N PHE A 157 -22.30 4.69 0.90
CA PHE A 157 -22.58 3.92 2.12
C PHE A 157 -23.63 4.60 2.99
N ASP A 158 -24.67 5.13 2.35
CA ASP A 158 -25.77 5.77 3.08
C ASP A 158 -25.33 6.74 4.17
N ASN A 159 -24.40 7.62 3.83
CA ASN A 159 -23.89 8.60 4.79
C ASN A 159 -23.30 7.97 6.05
N GLY A 160 -22.59 6.87 5.86
CA GLY A 160 -21.94 6.18 6.96
C GLY A 160 -20.43 6.09 6.71
N PHE A 161 -19.68 5.65 7.71
CA PHE A 161 -18.22 5.54 7.60
C PHE A 161 -17.81 4.34 8.44
N LEU A 162 -17.52 3.22 7.79
CA LEU A 162 -17.13 1.98 8.47
C LEU A 162 -15.67 1.62 8.22
N ILE A 163 -14.92 1.40 9.30
CA ILE A 163 -13.53 1.00 9.16
C ILE A 163 -13.22 -0.11 10.17
N SER A 164 -12.05 -0.72 10.02
CA SER A 164 -11.57 -1.74 10.94
C SER A 164 -10.28 -1.17 11.51
N GLU A 165 -10.03 -1.40 12.79
CA GLU A 165 -8.80 -0.92 13.40
C GLU A 165 -8.10 -2.08 14.10
N VAL A 166 -6.78 -2.12 13.99
CA VAL A 166 -6.00 -3.17 14.64
C VAL A 166 -4.93 -2.51 15.46
N VAL A 167 -4.84 -2.86 16.75
CA VAL A 167 -3.81 -2.28 17.59
C VAL A 167 -2.93 -3.39 18.14
N VAL A 168 -1.62 -3.15 18.13
CA VAL A 168 -0.61 -4.08 18.62
C VAL A 168 0.40 -3.28 19.44
N PRO A 169 0.57 -3.61 20.73
CA PRO A 169 -0.12 -4.68 21.47
C PRO A 169 -1.63 -4.39 21.53
N GLY A 170 -2.40 -5.42 21.90
CA GLY A 170 -3.85 -5.28 21.99
C GLY A 170 -4.35 -4.19 22.94
N PHE A 171 -5.51 -3.64 22.61
CA PHE A 171 -6.11 -2.57 23.41
C PHE A 171 -6.31 -2.85 24.89
N ASP A 172 -5.98 -1.85 25.70
CA ASP A 172 -6.16 -1.89 27.14
C ASP A 172 -6.46 -0.43 27.51
N PHE A 173 -7.46 -0.22 28.36
CA PHE A 173 -7.83 1.14 28.72
C PHE A 173 -6.67 1.90 29.36
N GLU A 174 -5.73 1.17 29.97
CA GLU A 174 -4.58 1.80 30.61
C GLU A 174 -3.67 2.51 29.61
N ASP A 175 -3.80 2.18 28.33
CA ASP A 175 -2.97 2.81 27.30
C ASP A 175 -3.73 3.89 26.54
N HIS A 176 -4.99 4.09 26.94
CA HIS A 176 -5.87 5.07 26.30
C HIS A 176 -5.97 6.39 27.07
N THR A 177 -5.93 7.50 26.35
CA THR A 177 -6.01 8.83 26.97
C THR A 177 -6.86 9.76 26.11
N PHE A 178 -8.00 10.19 26.63
CA PHE A 178 -8.84 11.10 25.88
C PHE A 178 -8.48 12.54 26.21
N LEU A 179 -8.54 13.40 25.20
CA LEU A 179 -8.21 14.81 25.39
C LEU A 179 -9.30 15.48 26.21
N LYS A 180 -8.89 16.27 27.21
CA LYS A 180 -9.83 16.95 28.09
C LYS A 180 -10.17 18.38 27.70
N GLY A 181 -11.31 18.54 27.03
CA GLY A 181 -11.76 19.86 26.61
C GLY A 181 -10.84 20.72 25.77
N GLU A 182 -11.34 21.89 25.39
CA GLU A 182 -10.61 22.85 24.57
C GLU A 182 -9.40 23.38 25.33
N ASP A 183 -9.47 23.33 26.65
CA ASP A 183 -8.39 23.82 27.51
C ASP A 183 -7.08 23.10 27.22
N GLU A 184 -7.12 21.77 27.22
CA GLU A 184 -5.93 20.98 26.96
C GLU A 184 -5.54 21.12 25.49
N LEU A 185 -6.54 21.28 24.63
CA LEU A 185 -6.32 21.44 23.20
C LEU A 185 -5.58 22.75 22.95
N LYS A 186 -5.97 23.76 23.73
CA LYS A 186 -5.40 25.09 23.64
C LYS A 186 -3.89 25.08 23.93
N HIS A 187 -3.49 24.27 24.90
CA HIS A 187 -2.08 24.17 25.27
C HIS A 187 -1.26 23.60 24.12
N LEU A 188 -1.86 22.62 23.41
CA LEU A 188 -1.19 21.96 22.29
C LEU A 188 -1.09 22.75 20.99
N VAL A 189 -2.23 23.25 20.50
CA VAL A 189 -2.26 23.97 19.23
C VAL A 189 -2.47 25.48 19.31
N GLY A 190 -2.66 26.00 20.53
CA GLY A 190 -2.88 27.43 20.66
C GLY A 190 -4.36 27.75 20.68
N PRO A 191 -4.74 28.98 21.06
CA PRO A 191 -6.15 29.41 21.13
C PRO A 191 -6.95 29.38 19.82
N GLU A 192 -6.44 30.03 18.79
CA GLU A 192 -7.14 30.09 17.50
C GLU A 192 -7.42 28.70 16.89
N LYS A 193 -6.39 27.85 16.85
CA LYS A 193 -6.55 26.52 16.30
C LYS A 193 -7.47 25.69 17.19
N ALA A 194 -7.35 25.90 18.50
CA ALA A 194 -8.17 25.18 19.47
C ALA A 194 -9.65 25.48 19.22
N ALA A 195 -9.95 26.73 18.91
CA ALA A 195 -11.33 27.14 18.64
C ALA A 195 -11.88 26.45 17.40
N GLU A 196 -11.04 26.35 16.37
CA GLU A 196 -11.44 25.72 15.12
C GLU A 196 -11.67 24.22 15.26
N LEU A 197 -10.97 23.57 16.17
CA LEU A 197 -11.09 22.13 16.38
C LEU A 197 -11.90 21.74 17.61
N ALA A 198 -12.53 22.71 18.24
CA ALA A 198 -13.31 22.45 19.45
C ALA A 198 -14.39 21.39 19.28
N PHE A 199 -15.05 21.38 18.13
CA PHE A 199 -16.10 20.41 17.88
C PHE A 199 -15.62 18.96 17.89
N LEU A 200 -14.30 18.77 17.91
CA LEU A 200 -13.72 17.43 17.93
C LEU A 200 -13.18 17.02 19.29
N ALA A 201 -13.34 17.89 20.29
CA ALA A 201 -12.85 17.58 21.63
C ALA A 201 -14.01 17.40 22.61
N HIS A 202 -13.77 16.65 23.68
CA HIS A 202 -14.80 16.42 24.68
C HIS A 202 -15.13 17.72 25.39
N ASN B 10 -21.26 -22.81 5.35
CA ASN B 10 -20.16 -23.42 4.55
C ASN B 10 -20.50 -23.42 3.07
N ALA B 11 -19.99 -22.42 2.35
CA ALA B 11 -20.25 -22.27 0.93
C ALA B 11 -19.69 -23.43 0.11
N ALA B 12 -20.31 -23.68 -1.04
CA ALA B 12 -19.87 -24.75 -1.93
C ALA B 12 -18.83 -24.22 -2.92
N ILE B 13 -17.81 -25.03 -3.20
CA ILE B 13 -16.76 -24.64 -4.12
C ILE B 13 -17.24 -24.74 -5.56
N GLU B 14 -17.68 -23.62 -6.12
CA GLU B 14 -18.17 -23.59 -7.49
C GLU B 14 -17.45 -22.49 -8.28
N PRO B 15 -16.19 -22.73 -8.63
CA PRO B 15 -15.30 -21.83 -9.39
C PRO B 15 -15.87 -21.30 -10.69
N ALA B 16 -15.68 -20.00 -10.94
CA ALA B 16 -16.14 -19.37 -12.16
C ALA B 16 -15.20 -19.75 -13.30
N SER B 17 -15.61 -19.46 -14.53
CA SER B 17 -14.81 -19.80 -15.71
C SER B 17 -13.40 -19.23 -15.68
N PHE B 18 -13.26 -17.96 -15.31
CA PHE B 18 -11.95 -17.33 -15.27
C PHE B 18 -11.06 -17.85 -14.15
N VAL B 19 -11.63 -18.60 -13.22
CA VAL B 19 -10.86 -19.15 -12.12
C VAL B 19 -10.07 -20.37 -12.61
N LYS B 20 -10.79 -21.32 -13.19
CA LYS B 20 -10.15 -22.53 -13.71
C LYS B 20 -9.29 -22.18 -14.92
N VAL B 21 -9.71 -21.14 -15.65
CA VAL B 21 -8.99 -20.68 -16.83
C VAL B 21 -8.91 -19.16 -16.76
N PRO B 22 -7.86 -18.64 -16.12
CA PRO B 22 -7.69 -17.19 -15.99
C PRO B 22 -7.56 -16.44 -17.31
N MET B 23 -7.94 -15.17 -17.28
CA MET B 23 -7.87 -14.31 -18.46
C MET B 23 -6.40 -13.97 -18.68
N PRO B 24 -6.03 -13.57 -19.91
CA PRO B 24 -4.63 -13.23 -20.20
C PRO B 24 -4.13 -12.00 -19.45
N GLU B 25 -4.97 -10.97 -19.37
CA GLU B 25 -4.60 -9.73 -18.68
C GLU B 25 -5.77 -9.21 -17.84
N PRO B 26 -5.48 -8.35 -16.86
CA PRO B 26 -6.55 -7.81 -16.01
C PRO B 26 -7.35 -6.72 -16.71
N PRO B 27 -8.59 -6.48 -16.27
CA PRO B 27 -9.37 -5.43 -16.93
C PRO B 27 -8.70 -4.09 -16.65
N SER B 28 -8.89 -3.13 -17.54
CA SER B 28 -8.28 -1.81 -17.42
C SER B 28 -8.38 -1.13 -16.05
N SER B 29 -9.55 -1.20 -15.42
CA SER B 29 -9.73 -0.54 -14.12
C SER B 29 -8.80 -1.14 -13.07
N LEU B 30 -8.59 -2.45 -13.13
CA LEU B 30 -7.73 -3.13 -12.17
C LEU B 30 -6.26 -2.98 -12.53
N GLN B 31 -5.96 -2.93 -13.82
CA GLN B 31 -4.57 -2.76 -14.27
C GLN B 31 -4.09 -1.39 -13.82
N GLN B 32 -5.00 -0.42 -13.85
CA GLN B 32 -4.69 0.94 -13.45
C GLN B 32 -4.41 0.98 -11.95
N LEU B 33 -5.20 0.23 -11.18
CA LEU B 33 -5.01 0.16 -9.73
C LEU B 33 -3.66 -0.46 -9.44
N ILE B 34 -3.38 -1.56 -10.12
CA ILE B 34 -2.13 -2.30 -9.97
C ILE B 34 -0.93 -1.40 -10.26
N ASN B 35 -1.00 -0.65 -11.36
CA ASN B 35 0.09 0.23 -11.74
C ASN B 35 0.27 1.41 -10.79
N ASP B 36 -0.84 2.05 -10.41
CA ASP B 36 -0.78 3.20 -9.52
C ASP B 36 -0.26 2.87 -8.12
N TRP B 37 -0.64 1.68 -7.62
CA TRP B 37 -0.24 1.26 -6.29
C TRP B 37 1.03 0.42 -6.25
N GLN B 38 1.55 0.08 -7.42
CA GLN B 38 2.73 -0.76 -7.53
C GLN B 38 2.50 -2.13 -6.92
N LEU B 39 1.36 -2.72 -7.23
CA LEU B 39 1.05 -4.06 -6.74
C LEU B 39 1.80 -5.01 -7.67
N ILE B 40 2.40 -6.04 -7.09
CA ILE B 40 3.18 -7.01 -7.85
C ILE B 40 2.58 -8.39 -7.75
N LYS B 41 2.57 -9.13 -8.85
CA LYS B 41 2.00 -10.48 -8.81
C LYS B 41 2.77 -11.32 -7.79
N HIS B 42 2.02 -11.97 -6.91
CA HIS B 42 2.59 -12.80 -5.86
C HIS B 42 2.88 -14.21 -6.39
N ARG B 43 3.82 -14.89 -5.74
CA ARG B 43 4.20 -16.24 -6.15
C ARG B 43 3.03 -17.21 -6.00
N GLU B 44 2.26 -17.04 -4.93
CA GLU B 44 1.11 -17.90 -4.66
C GLU B 44 -0.09 -17.45 -5.51
N GLY B 45 0.12 -16.41 -6.31
CA GLY B 45 -0.96 -15.88 -7.13
C GLY B 45 -1.48 -14.60 -6.49
N GLY B 46 -2.19 -13.79 -7.27
CA GLY B 46 -2.71 -12.54 -6.76
C GLY B 46 -1.66 -11.45 -6.81
N TYR B 47 -2.05 -10.20 -6.56
CA TYR B 47 -1.14 -9.06 -6.55
C TYR B 47 -1.08 -8.54 -5.12
N PHE B 48 0.09 -8.09 -4.69
CA PHE B 48 0.20 -7.60 -3.33
C PHE B 48 1.25 -6.53 -3.15
N LYS B 49 1.30 -6.00 -1.95
CA LYS B 49 2.27 -4.99 -1.58
C LYS B 49 2.25 -4.82 -0.07
N GLU B 50 3.42 -4.90 0.54
CA GLU B 50 3.53 -4.70 1.97
C GLU B 50 3.56 -3.20 2.13
N THR B 51 2.58 -2.66 2.83
CA THR B 51 2.48 -1.22 3.03
C THR B 51 2.92 -0.75 4.41
N ASP B 52 3.05 -1.68 5.35
CA ASP B 52 3.52 -1.33 6.68
C ASP B 52 4.17 -2.49 7.41
N ARG B 53 5.30 -2.20 8.05
CA ARG B 53 6.04 -3.18 8.84
C ARG B 53 6.40 -2.38 10.09
N SER B 54 5.78 -2.70 11.22
CA SER B 54 6.04 -1.97 12.45
C SER B 54 7.51 -1.88 12.79
N PRO B 55 7.98 -0.68 13.15
CA PRO B 55 9.39 -0.48 13.53
C PRO B 55 9.65 -1.04 14.92
N TYR B 56 8.57 -1.34 15.64
CA TYR B 56 8.68 -1.91 16.98
C TYR B 56 8.82 -3.42 16.84
N THR B 57 9.52 -4.03 17.78
CA THR B 57 9.76 -5.46 17.71
C THR B 57 9.30 -6.20 18.94
N MET B 58 9.36 -7.53 18.85
CA MET B 58 8.97 -8.39 19.97
C MET B 58 9.75 -9.70 19.84
N GLU B 59 10.05 -10.30 20.98
CA GLU B 59 10.77 -11.57 21.01
C GLU B 59 9.73 -12.67 21.20
N VAL B 60 9.76 -13.68 20.34
CA VAL B 60 8.81 -14.78 20.42
C VAL B 60 9.50 -16.12 20.30
N GLU B 61 8.91 -17.14 20.92
CA GLU B 61 9.45 -18.48 20.88
C GLU B 61 8.96 -19.21 19.64
N LYS B 62 9.88 -19.83 18.92
CA LYS B 62 9.53 -20.56 17.72
C LYS B 62 10.18 -21.93 17.73
N PRO B 63 9.43 -22.97 17.30
CA PRO B 63 9.97 -24.33 17.26
C PRO B 63 10.98 -24.49 16.14
N VAL B 64 12.01 -25.30 16.39
CA VAL B 64 13.06 -25.56 15.41
C VAL B 64 13.54 -27.00 15.54
N ASN B 70 12.00 -28.83 20.34
CA ASN B 70 13.06 -27.84 20.42
C ASN B 70 12.62 -26.49 19.85
N THR B 71 12.82 -25.44 20.62
CA THR B 71 12.45 -24.09 20.21
C THR B 71 13.55 -23.09 20.51
N GLU B 72 13.40 -21.88 19.99
CA GLU B 72 14.37 -20.82 20.21
C GLU B 72 13.73 -19.45 20.04
N MET B 73 14.31 -18.44 20.68
CA MET B 73 13.79 -17.09 20.62
C MET B 73 14.23 -16.34 19.38
N VAL B 74 13.29 -15.69 18.71
CA VAL B 74 13.59 -14.92 17.51
C VAL B 74 12.93 -13.55 17.61
N THR B 75 13.48 -12.59 16.88
CA THR B 75 12.94 -11.23 16.87
C THR B 75 12.04 -11.07 15.66
N ARG B 76 10.92 -10.38 15.85
CA ARG B 76 9.99 -10.13 14.79
C ARG B 76 9.47 -8.71 14.90
N ASN B 77 9.06 -8.14 13.78
CA ASN B 77 8.46 -6.81 13.83
C ASN B 77 7.11 -7.13 14.47
N GLN B 78 6.53 -6.19 15.20
CA GLN B 78 5.25 -6.46 15.85
C GLN B 78 4.09 -6.76 14.89
N SER B 79 4.15 -6.21 13.68
CA SER B 79 3.09 -6.45 12.71
C SER B 79 3.49 -6.10 11.29
N THR B 80 2.76 -6.63 10.32
CA THR B 80 2.95 -6.31 8.92
C THR B 80 1.56 -6.16 8.31
N LEU B 81 1.46 -5.30 7.31
CA LEU B 81 0.22 -5.04 6.63
C LEU B 81 0.44 -5.09 5.13
N ILE B 82 -0.49 -5.71 4.41
CA ILE B 82 -0.40 -5.77 2.96
C ILE B 82 -1.76 -5.56 2.33
N TYR B 83 -1.75 -5.15 1.07
CA TYR B 83 -2.96 -5.02 0.27
C TYR B 83 -2.82 -6.33 -0.50
N TYR B 84 -3.92 -7.05 -0.72
CA TYR B 84 -3.87 -8.30 -1.48
C TYR B 84 -5.04 -8.26 -2.46
N LEU B 85 -4.73 -8.46 -3.74
CA LEU B 85 -5.74 -8.38 -4.79
C LEU B 85 -5.81 -9.57 -5.74
N LEU B 86 -7.01 -10.09 -5.95
CA LEU B 86 -7.21 -11.18 -6.90
C LEU B 86 -7.92 -10.58 -8.11
N THR B 87 -7.56 -11.03 -9.30
CA THR B 87 -8.12 -10.52 -10.55
C THR B 87 -8.40 -11.68 -11.51
N PRO B 88 -9.14 -11.40 -12.61
CA PRO B 88 -9.47 -12.44 -13.60
C PRO B 88 -8.24 -13.13 -14.23
N ASP B 89 -7.12 -12.42 -14.29
CA ASP B 89 -5.90 -12.98 -14.85
C ASP B 89 -5.06 -13.70 -13.79
N SER B 90 -5.44 -13.51 -12.53
CA SER B 90 -4.77 -14.14 -11.40
C SER B 90 -5.85 -14.22 -10.32
N PRO B 91 -6.85 -15.07 -10.53
CA PRO B 91 -7.98 -15.28 -9.63
C PRO B 91 -7.79 -16.22 -8.46
N ILE B 92 -6.59 -16.77 -8.30
CA ILE B 92 -6.37 -17.70 -7.20
C ILE B 92 -5.19 -17.39 -6.30
N GLY B 93 -5.42 -17.54 -5.00
CA GLY B 93 -4.39 -17.35 -4.01
C GLY B 93 -4.16 -18.77 -3.53
N LYS B 94 -3.15 -19.43 -4.08
CA LYS B 94 -2.84 -20.82 -3.74
C LYS B 94 -2.57 -21.13 -2.28
N PHE B 95 -2.84 -22.37 -1.91
CA PHE B 95 -2.66 -22.85 -0.54
C PHE B 95 -1.29 -22.53 0.05
N HIS B 96 -1.30 -21.88 1.21
CA HIS B 96 -0.09 -21.53 1.92
C HIS B 96 -0.46 -21.37 3.39
N LYS B 97 0.53 -21.55 4.27
CA LYS B 97 0.28 -21.47 5.69
C LYS B 97 1.33 -20.64 6.43
N ASN B 98 0.97 -20.14 7.61
CA ASN B 98 1.89 -19.34 8.42
C ASN B 98 1.74 -19.78 9.86
N ILE B 99 2.83 -19.75 10.62
CA ILE B 99 2.79 -20.13 12.02
C ILE B 99 1.89 -19.17 12.79
N ASN B 100 1.81 -17.93 12.32
CA ASN B 100 1.01 -16.92 12.99
C ASN B 100 -0.39 -16.77 12.41
N ARG B 101 -1.33 -16.37 13.26
CA ARG B 101 -2.71 -16.16 12.82
C ARG B 101 -2.71 -14.89 11.97
N ILE B 102 -3.63 -14.80 11.02
CA ILE B 102 -3.68 -13.62 10.15
C ILE B 102 -5.07 -13.01 10.12
N ILE B 103 -5.12 -11.70 10.27
CA ILE B 103 -6.36 -10.93 10.26
C ILE B 103 -6.58 -10.44 8.83
N HIS B 104 -7.77 -10.70 8.28
CA HIS B 104 -8.11 -10.29 6.93
C HIS B 104 -9.27 -9.31 6.99
N ILE B 105 -9.16 -8.20 6.26
CA ILE B 105 -10.20 -7.18 6.23
C ILE B 105 -10.65 -6.92 4.80
N LEU B 106 -11.93 -7.13 4.52
CA LEU B 106 -12.44 -6.92 3.17
C LEU B 106 -12.51 -5.43 2.85
N GLN B 107 -12.11 -5.06 1.63
CA GLN B 107 -12.19 -3.66 1.24
C GLN B 107 -13.05 -3.45 -0.02
N ARG B 108 -12.82 -4.25 -1.05
N ARG B 108 -12.82 -4.26 -1.05
CA ARG B 108 -13.59 -4.15 -2.30
CA ARG B 108 -13.59 -4.14 -2.29
C ARG B 108 -13.77 -5.51 -2.97
C ARG B 108 -13.78 -5.52 -2.96
N GLY B 109 -14.91 -5.69 -3.63
CA GLY B 109 -15.19 -6.93 -4.34
C GLY B 109 -15.69 -8.12 -3.53
N LYS B 110 -15.57 -9.31 -4.13
CA LYS B 110 -16.02 -10.55 -3.49
C LYS B 110 -15.08 -11.70 -3.77
N GLY B 111 -15.01 -12.64 -2.83
CA GLY B 111 -14.15 -13.79 -2.99
C GLY B 111 -14.53 -14.91 -2.04
N GLN B 112 -13.85 -16.04 -2.17
CA GLN B 112 -14.15 -17.19 -1.31
C GLN B 112 -12.86 -17.84 -0.81
N TYR B 113 -12.89 -18.26 0.45
CA TYR B 113 -11.73 -18.92 1.07
C TYR B 113 -11.95 -20.40 1.32
N VAL B 114 -10.86 -21.15 1.28
CA VAL B 114 -10.89 -22.58 1.54
C VAL B 114 -9.77 -22.85 2.55
N LEU B 115 -10.15 -23.28 3.74
CA LEU B 115 -9.19 -23.56 4.80
C LEU B 115 -9.02 -25.05 5.08
N VAL B 116 -7.77 -25.51 5.05
CA VAL B 116 -7.47 -26.91 5.34
C VAL B 116 -6.68 -26.97 6.63
N TYR B 117 -7.34 -27.38 7.71
CA TYR B 117 -6.68 -27.48 9.01
C TYR B 117 -5.74 -28.68 9.02
N PRO B 118 -4.74 -28.66 9.93
CA PRO B 118 -3.79 -29.78 10.02
C PRO B 118 -4.49 -31.09 10.26
N ASP B 119 -5.71 -30.98 10.80
CA ASP B 119 -6.56 -32.12 11.13
C ASP B 119 -7.10 -32.76 9.84
N GLY B 120 -7.05 -32.01 8.75
CA GLY B 120 -7.55 -32.52 7.49
C GLY B 120 -8.92 -31.94 7.19
N GLN B 121 -9.49 -31.25 8.18
CA GLN B 121 -10.80 -30.64 8.02
C GLN B 121 -10.75 -29.53 6.98
N VAL B 122 -11.83 -29.40 6.22
CA VAL B 122 -11.91 -28.38 5.17
C VAL B 122 -13.11 -27.47 5.41
N LYS B 123 -12.84 -26.17 5.47
CA LYS B 123 -13.87 -25.18 5.67
C LYS B 123 -13.83 -24.16 4.54
N SER B 124 -15.00 -23.74 4.08
CA SER B 124 -15.08 -22.77 2.99
C SER B 124 -16.17 -21.74 3.27
N PHE B 125 -15.89 -20.48 2.95
CA PHE B 125 -16.85 -19.42 3.19
C PHE B 125 -16.64 -18.26 2.22
N LYS B 126 -17.69 -17.50 1.98
CA LYS B 126 -17.63 -16.37 1.07
C LYS B 126 -17.40 -15.04 1.76
N VAL B 127 -16.69 -14.16 1.06
CA VAL B 127 -16.38 -12.83 1.58
C VAL B 127 -17.09 -11.77 0.75
N GLY B 128 -17.73 -10.84 1.44
CA GLY B 128 -18.47 -9.76 0.79
C GLY B 128 -19.13 -8.94 1.87
N PHE B 129 -19.86 -7.89 1.49
CA PHE B 129 -20.53 -7.04 2.48
C PHE B 129 -21.98 -7.42 2.76
N ASP B 130 -22.49 -8.42 2.05
CA ASP B 130 -23.86 -8.86 2.26
C ASP B 130 -23.89 -9.87 3.40
N TYR B 131 -23.71 -9.39 4.63
CA TYR B 131 -23.70 -10.27 5.79
C TYR B 131 -25.04 -10.96 5.99
N LYS B 132 -26.06 -10.46 5.31
CA LYS B 132 -27.39 -11.04 5.43
C LYS B 132 -27.44 -12.36 4.67
N ASN B 133 -26.50 -12.54 3.74
CA ASN B 133 -26.42 -13.76 2.96
C ASN B 133 -25.20 -14.61 3.33
N GLY B 134 -24.83 -14.57 4.60
CA GLY B 134 -23.71 -15.37 5.08
C GLY B 134 -22.30 -14.90 4.75
N GLU B 135 -22.17 -13.79 4.04
CA GLU B 135 -20.85 -13.28 3.69
C GLU B 135 -20.23 -12.58 4.90
N VAL B 136 -18.90 -12.53 4.97
CA VAL B 136 -18.22 -11.88 6.08
C VAL B 136 -17.20 -10.87 5.53
N SER B 137 -16.94 -9.82 6.30
CA SER B 137 -15.99 -8.80 5.88
C SER B 137 -14.73 -8.75 6.76
N GLN B 138 -14.66 -9.65 7.74
CA GLN B 138 -13.50 -9.76 8.62
C GLN B 138 -13.34 -11.25 8.88
N TRP B 139 -12.12 -11.75 8.84
CA TRP B 139 -11.91 -13.16 9.14
C TRP B 139 -10.49 -13.42 9.55
N VAL B 140 -10.34 -14.20 10.62
CA VAL B 140 -9.04 -14.54 11.14
C VAL B 140 -8.75 -16.01 10.91
N VAL B 141 -7.63 -16.28 10.26
CA VAL B 141 -7.24 -17.66 9.99
C VAL B 141 -6.15 -18.02 11.00
N PRO B 142 -6.44 -18.99 11.87
CA PRO B 142 -5.47 -19.42 12.90
C PRO B 142 -4.16 -19.87 12.26
N GLY B 143 -3.08 -19.79 13.02
CA GLY B 143 -1.80 -20.23 12.49
C GLY B 143 -1.81 -21.73 12.26
N GLY B 144 -0.99 -22.21 11.33
CA GLY B 144 -0.93 -23.63 11.05
C GLY B 144 -2.01 -24.12 10.11
N VAL B 145 -2.90 -23.23 9.70
CA VAL B 145 -4.00 -23.58 8.81
C VAL B 145 -3.71 -23.17 7.37
N PHE B 146 -3.73 -24.14 6.45
CA PHE B 146 -3.50 -23.82 5.04
C PHE B 146 -4.70 -23.06 4.52
N LYS B 147 -4.44 -21.96 3.81
CA LYS B 147 -5.53 -21.16 3.28
C LYS B 147 -5.33 -20.82 1.82
N ALA B 148 -6.43 -20.82 1.08
CA ALA B 148 -6.42 -20.51 -0.32
C ALA B 148 -7.66 -19.67 -0.56
N SER B 149 -7.64 -18.87 -1.62
CA SER B 149 -8.78 -18.03 -1.94
C SER B 149 -8.90 -17.93 -3.44
N PHE B 150 -10.11 -17.68 -3.91
CA PHE B 150 -10.32 -17.52 -5.34
C PHE B 150 -11.35 -16.44 -5.56
N LEU B 151 -11.23 -15.77 -6.70
CA LEU B 151 -12.12 -14.68 -7.06
C LEU B 151 -13.55 -15.11 -7.37
N LEU B 152 -14.49 -14.30 -6.93
CA LEU B 152 -15.91 -14.55 -7.21
C LEU B 152 -16.35 -13.46 -8.16
N PRO B 153 -17.14 -13.81 -9.17
CA PRO B 153 -17.58 -12.76 -10.10
C PRO B 153 -18.34 -11.66 -9.37
N ASN B 154 -18.08 -10.41 -9.76
CA ASN B 154 -18.75 -9.25 -9.16
C ASN B 154 -18.47 -8.03 -10.03
N GLU B 155 -19.53 -7.46 -10.60
CA GLU B 155 -19.37 -6.28 -11.47
C GLU B 155 -19.12 -5.00 -10.69
N GLU B 156 -19.36 -5.04 -9.39
CA GLU B 156 -19.15 -3.88 -8.52
C GLU B 156 -17.70 -3.38 -8.55
N PHE B 157 -16.75 -4.31 -8.48
CA PHE B 157 -15.34 -3.96 -8.48
C PHE B 157 -14.66 -4.53 -9.72
N ASP B 158 -15.40 -4.55 -10.83
CA ASP B 158 -14.91 -5.05 -12.10
C ASP B 158 -14.23 -6.42 -11.95
N ASN B 159 -14.89 -7.29 -11.19
CA ASN B 159 -14.40 -8.64 -10.93
C ASN B 159 -13.04 -8.66 -10.23
N GLY B 160 -12.90 -7.78 -9.24
CA GLY B 160 -11.68 -7.72 -8.48
C GLY B 160 -12.03 -8.11 -7.05
N PHE B 161 -11.01 -8.36 -6.24
CA PHE B 161 -11.22 -8.74 -4.84
C PHE B 161 -10.05 -8.19 -4.04
N LEU B 162 -10.26 -7.05 -3.40
CA LEU B 162 -9.23 -6.38 -2.62
C LEU B 162 -9.40 -6.47 -1.12
N ILE B 163 -8.34 -6.91 -0.44
CA ILE B 163 -8.37 -7.02 1.02
C ILE B 163 -7.07 -6.50 1.61
N SER B 164 -7.08 -6.37 2.93
CA SER B 164 -5.89 -5.98 3.68
C SER B 164 -5.66 -7.15 4.62
N GLU B 165 -4.40 -7.50 4.85
CA GLU B 165 -4.06 -8.59 5.75
C GLU B 165 -3.06 -8.05 6.79
N VAL B 166 -3.29 -8.38 8.06
CA VAL B 166 -2.38 -7.94 9.12
C VAL B 166 -1.87 -9.19 9.83
N VAL B 167 -0.56 -9.37 9.83
CA VAL B 167 0.07 -10.52 10.47
C VAL B 167 0.75 -10.04 11.76
N VAL B 168 0.50 -10.76 12.86
CA VAL B 168 1.05 -10.44 14.18
C VAL B 168 1.48 -11.73 14.86
N PRO B 169 2.79 -11.91 15.13
CA PRO B 169 3.89 -10.99 14.85
C PRO B 169 4.03 -10.79 13.34
N GLY B 170 4.76 -9.76 12.94
CA GLY B 170 4.92 -9.48 11.52
C GLY B 170 5.43 -10.62 10.67
N PHE B 171 5.01 -10.62 9.40
CA PHE B 171 5.39 -11.65 8.45
C PHE B 171 6.89 -11.83 8.32
N ASP B 172 7.31 -13.10 8.29
CA ASP B 172 8.71 -13.46 8.11
C ASP B 172 8.72 -14.78 7.34
N PHE B 173 9.57 -14.87 6.31
CA PHE B 173 9.64 -16.09 5.50
C PHE B 173 9.87 -17.37 6.32
N GLU B 174 10.55 -17.24 7.46
CA GLU B 174 10.83 -18.39 8.31
C GLU B 174 9.55 -19.02 8.87
N ASP B 175 8.46 -18.24 8.87
CA ASP B 175 7.20 -18.72 9.42
C ASP B 175 6.19 -19.09 8.34
N HIS B 176 6.58 -18.96 7.09
CA HIS B 176 5.70 -19.21 5.94
C HIS B 176 5.93 -20.58 5.29
N THR B 177 4.84 -21.21 4.85
CA THR B 177 4.91 -22.51 4.20
C THR B 177 3.85 -22.65 3.12
N PHE B 178 4.28 -22.86 1.88
CA PHE B 178 3.33 -23.03 0.79
C PHE B 178 3.17 -24.52 0.51
N LEU B 179 1.94 -24.94 0.18
CA LEU B 179 1.66 -26.35 -0.09
C LEU B 179 2.21 -26.76 -1.45
N LYS B 180 2.78 -27.96 -1.53
CA LYS B 180 3.34 -28.46 -2.78
C LYS B 180 2.44 -29.44 -3.53
N GLY B 181 1.74 -28.93 -4.54
CA GLY B 181 0.87 -29.76 -5.36
C GLY B 181 -0.08 -30.70 -4.65
N GLU B 182 -0.87 -31.43 -5.44
CA GLU B 182 -1.83 -32.39 -4.92
C GLU B 182 -1.19 -33.42 -4.00
N ASP B 183 0.08 -33.71 -4.27
CA ASP B 183 0.83 -34.68 -3.48
C ASP B 183 0.58 -34.49 -2.00
N GLU B 184 1.12 -33.42 -1.43
CA GLU B 184 0.96 -33.11 -0.02
C GLU B 184 -0.50 -32.88 0.34
N LEU B 185 -1.26 -32.30 -0.60
CA LEU B 185 -2.67 -32.02 -0.38
C LEU B 185 -3.44 -33.32 -0.15
N LYS B 186 -3.14 -34.33 -0.96
CA LYS B 186 -3.79 -35.63 -0.86
C LYS B 186 -3.58 -36.28 0.50
N HIS B 187 -2.43 -36.00 1.12
CA HIS B 187 -2.12 -36.57 2.43
C HIS B 187 -2.88 -35.88 3.55
N LEU B 188 -3.26 -34.63 3.32
CA LEU B 188 -4.00 -33.85 4.31
C LEU B 188 -5.49 -34.17 4.28
N VAL B 189 -6.06 -34.17 3.08
CA VAL B 189 -7.47 -34.46 2.91
C VAL B 189 -7.65 -35.71 2.05
N GLY B 190 -8.88 -36.22 1.98
CA GLY B 190 -9.12 -37.41 1.18
C GLY B 190 -8.54 -37.30 -0.21
N PRO B 191 -8.21 -38.43 -0.85
CA PRO B 191 -7.63 -38.39 -2.20
C PRO B 191 -8.63 -37.81 -3.20
N GLU B 192 -9.91 -37.95 -2.88
CA GLU B 192 -10.98 -37.44 -3.74
C GLU B 192 -11.12 -35.93 -3.59
N LYS B 193 -11.01 -35.44 -2.35
CA LYS B 193 -11.13 -34.02 -2.07
C LYS B 193 -9.98 -33.25 -2.71
N ALA B 194 -8.80 -33.86 -2.70
CA ALA B 194 -7.60 -33.25 -3.28
C ALA B 194 -7.83 -32.98 -4.76
N ALA B 195 -8.73 -33.75 -5.36
CA ALA B 195 -9.04 -33.61 -6.77
C ALA B 195 -9.95 -32.40 -6.98
N GLU B 196 -10.78 -32.13 -5.98
CA GLU B 196 -11.70 -30.99 -6.05
C GLU B 196 -11.01 -29.67 -5.71
N LEU B 197 -10.02 -29.73 -4.84
CA LEU B 197 -9.29 -28.53 -4.43
C LEU B 197 -7.94 -28.41 -5.13
N ALA B 198 -7.69 -29.32 -6.08
CA ALA B 198 -6.43 -29.35 -6.81
C ALA B 198 -6.08 -28.02 -7.50
N PHE B 199 -7.11 -27.30 -7.95
CA PHE B 199 -6.89 -26.04 -8.65
C PHE B 199 -6.43 -24.92 -7.71
N LEU B 200 -6.43 -25.18 -6.41
CA LEU B 200 -6.02 -24.18 -5.43
C LEU B 200 -4.63 -24.48 -4.87
N ALA B 201 -4.01 -25.54 -5.37
CA ALA B 201 -2.68 -25.92 -4.90
C ALA B 201 -1.67 -26.01 -6.05
N HIS B 202 -0.43 -26.34 -5.70
CA HIS B 202 0.63 -26.48 -6.68
C HIS B 202 0.96 -25.14 -7.32
N ALA C 9 -1.34 11.49 -9.12
CA ALA C 9 -1.90 12.59 -9.95
C ALA C 9 -0.85 13.06 -10.95
N ASN C 10 -0.97 12.58 -12.18
CA ASN C 10 -0.02 12.91 -13.24
C ASN C 10 0.34 14.38 -13.38
N ALA C 11 1.63 14.66 -13.24
CA ALA C 11 2.13 16.02 -13.39
C ALA C 11 2.12 16.33 -14.87
N ALA C 12 1.67 17.53 -15.23
CA ALA C 12 1.65 17.92 -16.63
C ALA C 12 3.10 17.97 -17.11
N ILE C 13 3.31 17.62 -18.37
CA ILE C 13 4.64 17.62 -18.97
C ILE C 13 4.82 18.93 -19.72
N GLU C 14 5.56 19.86 -19.13
CA GLU C 14 5.79 21.18 -19.71
C GLU C 14 7.28 21.54 -19.63
N PRO C 15 8.10 20.86 -20.45
CA PRO C 15 9.55 21.09 -20.47
C PRO C 15 9.93 22.56 -20.65
N ALA C 16 10.94 23.00 -19.91
CA ALA C 16 11.39 24.38 -19.97
C ALA C 16 12.36 24.60 -21.13
N SER C 17 12.95 25.79 -21.19
CA SER C 17 13.86 26.17 -22.27
C SER C 17 14.97 25.18 -22.57
N PHE C 18 15.76 24.82 -21.55
CA PHE C 18 16.87 23.89 -21.74
C PHE C 18 16.45 22.53 -22.31
N VAL C 19 15.32 22.00 -21.83
CA VAL C 19 14.86 20.70 -22.32
C VAL C 19 14.45 20.82 -23.79
N LYS C 20 13.85 21.95 -24.15
CA LYS C 20 13.43 22.16 -25.53
C LYS C 20 14.64 22.49 -26.40
N VAL C 21 15.52 23.34 -25.88
CA VAL C 21 16.72 23.75 -26.61
C VAL C 21 17.93 23.68 -25.67
N PRO C 22 18.60 22.52 -25.63
CA PRO C 22 19.77 22.32 -24.78
C PRO C 22 20.96 23.24 -25.03
N MET C 23 21.68 23.51 -23.94
CA MET C 23 22.87 24.36 -23.97
C MET C 23 23.92 23.55 -24.72
N PRO C 24 24.88 24.23 -25.38
CA PRO C 24 25.92 23.48 -26.10
C PRO C 24 26.86 22.69 -25.19
N GLU C 25 27.22 23.27 -24.06
CA GLU C 25 28.11 22.62 -23.10
C GLU C 25 27.56 22.86 -21.70
N PRO C 26 27.92 21.98 -20.74
CA PRO C 26 27.40 22.21 -19.39
C PRO C 26 28.00 23.44 -18.74
N PRO C 27 27.27 24.04 -17.79
CA PRO C 27 27.78 25.23 -17.09
C PRO C 27 28.98 24.84 -16.23
N SER C 28 29.91 25.78 -16.06
CA SER C 28 31.13 25.56 -15.30
C SER C 28 31.04 24.61 -14.10
N SER C 29 30.15 24.91 -13.16
CA SER C 29 30.00 24.09 -11.97
C SER C 29 29.76 22.62 -12.31
N LEU C 30 28.85 22.38 -13.25
CA LEU C 30 28.54 21.01 -13.64
C LEU C 30 29.65 20.36 -14.47
N GLN C 31 30.33 21.15 -15.28
CA GLN C 31 31.43 20.60 -16.09
C GLN C 31 32.55 20.11 -15.17
N GLN C 32 32.80 20.86 -14.09
CA GLN C 32 33.84 20.47 -13.15
C GLN C 32 33.47 19.18 -12.45
N LEU C 33 32.19 19.04 -12.09
CA LEU C 33 31.72 17.84 -11.43
C LEU C 33 31.89 16.66 -12.37
N ILE C 34 31.53 16.86 -13.63
CA ILE C 34 31.64 15.82 -14.64
C ILE C 34 33.10 15.38 -14.81
N ASN C 35 34.01 16.35 -14.87
CA ASN C 35 35.42 16.01 -15.03
C ASN C 35 36.02 15.36 -13.79
N ASP C 36 35.75 15.94 -12.62
CA ASP C 36 36.28 15.42 -11.37
C ASP C 36 35.80 14.02 -11.02
N TRP C 37 34.54 13.71 -11.35
CA TRP C 37 33.98 12.39 -11.05
C TRP C 37 34.09 11.42 -12.22
N GLN C 38 34.58 11.91 -13.35
CA GLN C 38 34.72 11.10 -14.55
C GLN C 38 33.38 10.56 -15.04
N LEU C 39 32.37 11.43 -15.07
CA LEU C 39 31.05 11.03 -15.55
C LEU C 39 31.11 11.08 -17.07
N ILE C 40 30.48 10.10 -17.70
CA ILE C 40 30.49 10.03 -19.16
C ILE C 40 29.07 10.20 -19.68
N LYS C 41 28.93 10.85 -20.83
CA LYS C 41 27.61 11.06 -21.41
C LYS C 41 27.04 9.70 -21.83
N HIS C 42 25.85 9.40 -21.34
CA HIS C 42 25.17 8.14 -21.64
C HIS C 42 24.51 8.17 -23.01
N ARG C 43 24.35 6.99 -23.60
CA ARG C 43 23.72 6.85 -24.91
C ARG C 43 22.29 7.36 -24.88
N GLU C 44 21.60 7.12 -23.78
CA GLU C 44 20.21 7.57 -23.64
C GLU C 44 20.11 9.01 -23.15
N GLY C 45 21.25 9.67 -23.00
CA GLY C 45 21.26 11.04 -22.54
C GLY C 45 21.70 11.11 -21.08
N GLY C 46 22.20 12.27 -20.66
CA GLY C 46 22.65 12.41 -19.28
C GLY C 46 24.07 11.93 -19.11
N TYR C 47 24.64 12.16 -17.93
CA TYR C 47 26.00 11.73 -17.63
C TYR C 47 25.91 10.69 -16.53
N PHE C 48 26.76 9.67 -16.59
CA PHE C 48 26.70 8.63 -15.58
C PHE C 48 28.03 7.95 -15.30
N LYS C 49 28.01 7.14 -14.24
CA LYS C 49 29.17 6.36 -13.85
C LYS C 49 28.73 5.27 -12.89
N GLU C 50 29.12 4.04 -13.18
CA GLU C 50 28.81 2.92 -12.31
C GLU C 50 29.88 3.00 -11.22
N THR C 51 29.45 3.27 -9.99
CA THR C 51 30.38 3.43 -8.88
C THR C 51 30.50 2.20 -7.98
N ASP C 52 29.60 1.24 -8.14
CA ASP C 52 29.67 0.02 -7.35
C ASP C 52 28.94 -1.13 -8.02
N ARG C 53 29.60 -2.28 -8.03
CA ARG C 53 29.02 -3.50 -8.60
C ARG C 53 29.33 -4.53 -7.53
N SER C 54 28.31 -5.01 -6.84
CA SER C 54 28.53 -5.97 -5.76
C SER C 54 29.37 -7.16 -6.17
N PRO C 55 30.37 -7.53 -5.35
CA PRO C 55 31.21 -8.68 -5.67
C PRO C 55 30.46 -9.97 -5.35
N TYR C 56 29.35 -9.85 -4.65
CA TYR C 56 28.52 -11.00 -4.30
C TYR C 56 27.55 -11.28 -5.45
N THR C 57 27.20 -12.55 -5.64
CA THR C 57 26.35 -12.92 -6.76
C THR C 57 25.08 -13.63 -6.37
N MET C 58 24.21 -13.81 -7.36
CA MET C 58 22.96 -14.52 -7.17
C MET C 58 22.59 -15.16 -8.50
N GLU C 59 21.89 -16.29 -8.44
CA GLU C 59 21.46 -16.99 -9.63
C GLU C 59 20.04 -16.58 -9.96
N VAL C 60 19.80 -16.21 -11.22
CA VAL C 60 18.48 -15.76 -11.64
C VAL C 60 17.92 -16.63 -12.76
N GLU C 61 16.63 -16.93 -12.68
CA GLU C 61 15.95 -17.74 -13.68
C GLU C 61 15.44 -16.84 -14.80
N LYS C 62 15.97 -17.02 -16.01
CA LYS C 62 15.55 -16.20 -17.14
C LYS C 62 15.01 -17.06 -18.28
N GLU C 72 16.85 -20.39 -18.35
CA GLU C 72 18.01 -21.01 -17.70
C GLU C 72 18.35 -20.23 -16.42
N MET C 73 19.40 -20.69 -15.75
CA MET C 73 19.88 -20.04 -14.54
C MET C 73 21.13 -19.25 -14.92
N VAL C 74 21.10 -17.95 -14.67
CA VAL C 74 22.25 -17.09 -14.99
C VAL C 74 22.71 -16.36 -13.74
N THR C 75 24.01 -16.07 -13.70
CA THR C 75 24.60 -15.38 -12.57
C THR C 75 24.56 -13.86 -12.78
N ARG C 76 24.29 -13.13 -11.71
CA ARG C 76 24.24 -11.68 -11.76
C ARG C 76 24.89 -11.17 -10.49
N ASN C 77 25.45 -9.97 -10.53
CA ASN C 77 26.01 -9.39 -9.33
C ASN C 77 24.75 -9.03 -8.54
N GLN C 78 24.82 -9.08 -7.21
CA GLN C 78 23.63 -8.78 -6.42
C GLN C 78 23.08 -7.36 -6.62
N SER C 79 23.95 -6.42 -6.98
CA SER C 79 23.49 -5.04 -7.18
C SER C 79 24.51 -4.18 -7.89
N THR C 80 24.03 -3.08 -8.48
CA THR C 80 24.90 -2.10 -9.11
C THR C 80 24.40 -0.72 -8.66
N LEU C 81 25.34 0.22 -8.57
CA LEU C 81 25.02 1.58 -8.16
C LEU C 81 25.63 2.54 -9.16
N ILE C 82 24.86 3.55 -9.57
CA ILE C 82 25.40 4.57 -10.48
C ILE C 82 24.98 5.96 -10.01
N TYR C 83 25.72 6.95 -10.49
CA TYR C 83 25.39 8.35 -10.28
C TYR C 83 24.78 8.63 -11.65
N TYR C 84 23.70 9.39 -11.71
CA TYR C 84 23.10 9.73 -13.00
C TYR C 84 22.80 11.21 -12.94
N LEU C 85 23.32 11.96 -13.90
CA LEU C 85 23.19 13.41 -13.92
C LEU C 85 22.63 14.02 -15.20
N LEU C 86 21.60 14.85 -15.07
CA LEU C 86 21.03 15.55 -16.21
C LEU C 86 21.50 17.00 -16.07
N THR C 87 21.82 17.62 -17.21
CA THR C 87 22.33 18.99 -17.23
C THR C 87 21.68 19.79 -18.35
N PRO C 88 21.91 21.12 -18.37
CA PRO C 88 21.31 21.96 -19.41
C PRO C 88 21.71 21.56 -20.84
N ASP C 89 22.88 20.93 -20.98
CA ASP C 89 23.38 20.50 -22.29
C ASP C 89 22.95 19.06 -22.61
N SER C 90 22.51 18.32 -21.58
CA SER C 90 22.03 16.95 -21.76
C SER C 90 20.91 16.82 -20.72
N PRO C 91 19.81 17.55 -20.93
CA PRO C 91 18.63 17.60 -20.06
C PRO C 91 17.61 16.46 -20.12
N ILE C 92 17.85 15.47 -20.97
CA ILE C 92 16.91 14.37 -21.11
C ILE C 92 17.50 12.98 -21.00
N GLY C 93 16.77 12.11 -20.31
CA GLY C 93 17.14 10.72 -20.18
C GLY C 93 16.07 10.02 -21.00
N LYS C 94 16.45 9.49 -22.16
CA LYS C 94 15.50 8.83 -23.06
C LYS C 94 14.92 7.51 -22.55
N PHE C 95 13.72 7.19 -23.03
CA PHE C 95 13.01 5.98 -22.65
C PHE C 95 13.79 4.67 -22.76
N HIS C 96 13.79 3.91 -21.66
CA HIS C 96 14.44 2.61 -21.62
C HIS C 96 13.84 1.83 -20.46
N LYS C 97 13.97 0.51 -20.49
CA LYS C 97 13.42 -0.29 -19.42
C LYS C 97 14.37 -1.40 -19.03
N ASN C 98 14.11 -1.98 -17.87
CA ASN C 98 14.95 -3.06 -17.36
C ASN C 98 13.99 -4.12 -16.83
N ILE C 99 14.40 -5.39 -16.95
CA ILE C 99 13.58 -6.48 -16.44
C ILE C 99 13.42 -6.33 -14.94
N ASN C 100 14.44 -5.75 -14.31
CA ASN C 100 14.46 -5.56 -12.86
C ASN C 100 14.00 -4.19 -12.41
N ARG C 101 13.50 -4.14 -11.17
CA ARG C 101 13.04 -2.88 -10.58
C ARG C 101 14.28 -2.05 -10.23
N ILE C 102 14.13 -0.74 -10.27
CA ILE C 102 15.24 0.15 -9.97
C ILE C 102 14.87 1.19 -8.92
N ILE C 103 15.72 1.30 -7.91
CA ILE C 103 15.54 2.24 -6.81
C ILE C 103 16.25 3.54 -7.20
N HIS C 104 15.54 4.65 -7.11
CA HIS C 104 16.12 5.96 -7.43
C HIS C 104 16.13 6.82 -6.18
N ILE C 105 17.26 7.48 -5.94
N ILE C 105 17.25 7.49 -5.94
CA ILE C 105 17.43 8.34 -4.77
CA ILE C 105 17.41 8.34 -4.77
C ILE C 105 17.90 9.74 -5.21
C ILE C 105 17.90 9.73 -5.19
N LEU C 106 17.09 10.74 -4.91
CA LEU C 106 17.44 12.12 -5.27
C LEU C 106 18.59 12.64 -4.41
N GLN C 107 19.55 13.31 -5.04
CA GLN C 107 20.67 13.88 -4.29
C GLN C 107 20.72 15.39 -4.43
N ARG C 108 20.58 15.89 -5.66
CA ARG C 108 20.60 17.34 -5.88
C ARG C 108 19.77 17.78 -7.07
N GLY C 109 19.17 18.96 -6.96
CA GLY C 109 18.38 19.49 -8.06
C GLY C 109 16.94 19.03 -8.14
N LYS C 110 16.36 19.18 -9.33
CA LYS C 110 14.97 18.81 -9.56
C LYS C 110 14.81 18.19 -10.95
N GLY C 111 13.82 17.30 -11.08
CA GLY C 111 13.60 16.66 -12.36
C GLY C 111 12.19 16.11 -12.44
N GLN C 112 11.86 15.48 -13.56
CA GLN C 112 10.52 14.92 -13.72
C GLN C 112 10.61 13.61 -14.49
N TYR C 113 9.89 12.61 -14.01
CA TYR C 113 9.88 11.31 -14.66
C TYR C 113 8.60 11.04 -15.41
N VAL C 114 8.70 10.26 -16.48
CA VAL C 114 7.54 9.86 -17.27
C VAL C 114 7.69 8.36 -17.42
N LEU C 115 6.66 7.61 -17.04
CA LEU C 115 6.71 6.16 -17.13
C LEU C 115 5.65 5.65 -18.11
N VAL C 116 6.02 4.65 -18.89
CA VAL C 116 5.09 4.06 -19.85
C VAL C 116 4.98 2.58 -19.55
N TYR C 117 3.81 2.15 -19.11
CA TYR C 117 3.56 0.76 -18.77
C TYR C 117 3.22 -0.07 -19.99
N PRO C 118 3.40 -1.40 -19.90
CA PRO C 118 3.12 -2.32 -21.01
C PRO C 118 1.71 -2.15 -21.57
N ASP C 119 0.75 -1.91 -20.66
CA ASP C 119 -0.64 -1.73 -21.04
C ASP C 119 -0.91 -0.38 -21.69
N GLY C 120 0.09 0.51 -21.70
CA GLY C 120 -0.10 1.80 -22.31
C GLY C 120 -0.32 2.98 -21.37
N GLN C 121 -0.54 2.69 -20.09
CA GLN C 121 -0.75 3.78 -19.14
C GLN C 121 0.51 4.63 -19.00
N VAL C 122 0.32 5.94 -18.88
CA VAL C 122 1.43 6.86 -18.73
C VAL C 122 1.35 7.56 -17.38
N LYS C 123 2.49 7.64 -16.69
CA LYS C 123 2.56 8.30 -15.38
C LYS C 123 3.67 9.32 -15.39
N SER C 124 3.45 10.45 -14.73
CA SER C 124 4.47 11.48 -14.66
C SER C 124 4.43 12.12 -13.28
N PHE C 125 5.59 12.32 -12.69
CA PHE C 125 5.68 12.92 -11.36
C PHE C 125 6.97 13.70 -11.22
N LYS C 126 6.95 14.70 -10.34
CA LYS C 126 8.13 15.52 -10.13
C LYS C 126 8.99 15.04 -8.98
N VAL C 127 10.30 15.22 -9.14
CA VAL C 127 11.29 14.82 -8.17
C VAL C 127 11.98 16.05 -7.61
N GLY C 128 12.12 16.10 -6.29
CA GLY C 128 12.74 17.23 -5.64
C GLY C 128 12.57 17.11 -4.14
N PHE C 129 13.10 18.06 -3.38
CA PHE C 129 13.00 18.00 -1.92
C PHE C 129 11.81 18.75 -1.30
N ASP C 130 11.04 19.46 -2.12
CA ASP C 130 9.88 20.19 -1.62
C ASP C 130 8.70 19.22 -1.57
N TYR C 131 8.73 18.29 -0.61
CA TYR C 131 7.67 17.30 -0.50
C TYR C 131 6.30 17.90 -0.16
N LYS C 132 6.29 19.05 0.51
CA LYS C 132 5.02 19.69 0.87
C LYS C 132 4.22 20.01 -0.38
N ASN C 133 4.91 20.18 -1.51
CA ASN C 133 4.23 20.48 -2.75
C ASN C 133 4.22 19.29 -3.73
N GLY C 134 4.32 18.08 -3.18
CA GLY C 134 4.25 16.89 -4.00
C GLY C 134 5.49 16.26 -4.62
N GLU C 135 6.66 16.86 -4.44
CA GLU C 135 7.88 16.29 -5.01
C GLU C 135 8.34 15.09 -4.19
N VAL C 136 8.99 14.12 -4.86
CA VAL C 136 9.46 12.95 -4.14
C VAL C 136 10.98 12.85 -4.25
N SER C 137 11.61 12.20 -3.27
CA SER C 137 13.07 12.06 -3.26
C SER C 137 13.54 10.60 -3.27
N GLN C 138 12.57 9.69 -3.33
CA GLN C 138 12.82 8.25 -3.43
C GLN C 138 11.73 7.72 -4.33
N TRP C 139 12.06 6.88 -5.31
CA TRP C 139 11.03 6.32 -6.17
C TRP C 139 11.51 5.03 -6.80
N VAL C 140 10.61 4.06 -6.88
CA VAL C 140 10.94 2.77 -7.48
C VAL C 140 10.20 2.59 -8.79
N VAL C 141 10.94 2.20 -9.83
CA VAL C 141 10.29 1.94 -11.12
C VAL C 141 10.31 0.42 -11.28
N PRO C 142 9.12 -0.20 -11.34
CA PRO C 142 9.03 -1.66 -11.49
C PRO C 142 9.67 -2.13 -12.79
N GLY C 143 10.08 -3.40 -12.81
CA GLY C 143 10.69 -3.95 -14.01
C GLY C 143 9.67 -3.97 -15.15
N GLY C 144 10.17 -3.82 -16.38
CA GLY C 144 9.29 -3.86 -17.56
C GLY C 144 8.61 -2.56 -17.92
N VAL C 145 8.84 -1.52 -17.12
CA VAL C 145 8.23 -0.21 -17.33
C VAL C 145 9.22 0.73 -18.03
N PHE C 146 8.82 1.34 -19.13
CA PHE C 146 9.72 2.27 -19.80
C PHE C 146 9.77 3.56 -18.98
N LYS C 147 10.98 4.09 -18.81
CA LYS C 147 11.14 5.31 -18.03
C LYS C 147 12.04 6.32 -18.74
N ALA C 148 11.65 7.58 -18.61
CA ALA C 148 12.40 8.69 -19.18
C ALA C 148 12.36 9.79 -18.14
N SER C 149 13.29 10.72 -18.23
CA SER C 149 13.31 11.83 -17.28
C SER C 149 13.83 13.09 -17.95
N PHE C 150 13.48 14.23 -17.37
CA PHE C 150 13.99 15.48 -17.88
C PHE C 150 14.22 16.45 -16.74
N LEU C 151 15.14 17.36 -16.98
CA LEU C 151 15.55 18.36 -16.02
C LEU C 151 14.49 19.42 -15.76
N LEU C 152 14.36 19.84 -14.51
CA LEU C 152 13.42 20.90 -14.16
C LEU C 152 14.28 22.06 -13.68
N PRO C 153 13.90 23.30 -14.03
CA PRO C 153 14.65 24.48 -13.62
C PRO C 153 14.82 24.53 -12.10
N ASN C 154 16.01 24.86 -11.64
CA ASN C 154 16.26 24.96 -10.21
C ASN C 154 17.55 25.71 -9.94
N GLU C 155 17.49 26.67 -9.02
CA GLU C 155 18.66 27.46 -8.68
C GLU C 155 19.59 26.73 -7.71
N GLU C 156 19.03 25.92 -6.83
CA GLU C 156 19.81 25.19 -5.84
C GLU C 156 20.96 24.37 -6.40
N PHE C 157 20.83 23.87 -7.62
CA PHE C 157 21.90 23.06 -8.20
C PHE C 157 22.29 23.47 -9.63
N ASP C 158 22.27 24.79 -9.90
CA ASP C 158 22.65 25.30 -11.22
C ASP C 158 21.93 24.61 -12.37
N ASN C 159 20.64 24.36 -12.20
CA ASN C 159 19.85 23.69 -13.23
C ASN C 159 20.40 22.29 -13.56
N GLY C 160 20.81 21.60 -12.52
CA GLY C 160 21.31 20.24 -12.66
C GLY C 160 20.34 19.30 -11.96
N PHE C 161 20.51 18.00 -12.14
CA PHE C 161 19.64 17.00 -11.52
C PHE C 161 20.49 15.75 -11.29
N LEU C 162 20.89 15.53 -10.04
CA LEU C 162 21.74 14.40 -9.67
C LEU C 162 21.02 13.38 -8.80
N ILE C 163 21.08 12.12 -9.20
CA ILE C 163 20.48 11.04 -8.42
C ILE C 163 21.41 9.85 -8.39
N SER C 164 21.06 8.88 -7.56
CA SER C 164 21.80 7.62 -7.49
C SER C 164 20.74 6.58 -7.83
N GLU C 165 21.16 5.53 -8.54
CA GLU C 165 20.24 4.46 -8.91
C GLU C 165 20.83 3.14 -8.42
N VAL C 166 19.99 2.28 -7.86
CA VAL C 166 20.44 0.98 -7.41
C VAL C 166 19.58 -0.08 -8.10
N VAL C 167 20.22 -0.94 -8.87
CA VAL C 167 19.55 -2.01 -9.60
C VAL C 167 19.85 -3.33 -8.90
N VAL C 168 18.81 -4.11 -8.64
CA VAL C 168 18.93 -5.42 -7.99
C VAL C 168 17.97 -6.39 -8.69
N PRO C 169 18.51 -7.48 -9.28
CA PRO C 169 19.92 -7.86 -9.36
C PRO C 169 20.68 -6.79 -10.14
N GLY C 170 22.01 -6.83 -10.06
CA GLY C 170 22.81 -5.85 -10.76
C GLY C 170 22.64 -5.73 -12.26
N PHE C 171 22.82 -4.51 -12.75
CA PHE C 171 22.67 -4.23 -14.18
C PHE C 171 23.43 -5.19 -15.10
N ASP C 172 22.73 -5.63 -16.14
CA ASP C 172 23.31 -6.50 -17.16
C ASP C 172 22.62 -6.11 -18.46
N PHE C 173 23.39 -5.94 -19.53
CA PHE C 173 22.81 -5.55 -20.81
C PHE C 173 21.71 -6.50 -21.28
N GLU C 174 21.80 -7.76 -20.85
CA GLU C 174 20.80 -8.77 -21.21
C GLU C 174 19.41 -8.47 -20.65
N ASP C 175 19.36 -7.60 -19.64
CA ASP C 175 18.08 -7.25 -19.01
C ASP C 175 17.63 -5.84 -19.41
N HIS C 176 18.43 -5.19 -20.24
CA HIS C 176 18.15 -3.82 -20.66
C HIS C 176 17.63 -3.68 -22.07
N THR C 177 16.72 -2.73 -22.28
CA THR C 177 16.16 -2.46 -23.61
C THR C 177 15.79 -0.98 -23.70
N PHE C 178 16.28 -0.29 -24.73
CA PHE C 178 15.92 1.10 -24.89
C PHE C 178 14.80 1.21 -25.93
N LEU C 179 13.92 2.18 -25.76
CA LEU C 179 12.82 2.37 -26.71
C LEU C 179 13.42 2.77 -28.04
N LYS C 180 13.18 1.98 -29.07
CA LYS C 180 13.74 2.24 -30.39
C LYS C 180 13.37 3.60 -31.00
N GLY C 181 12.11 4.01 -30.83
CA GLY C 181 11.70 5.28 -31.40
C GLY C 181 10.24 5.61 -31.22
N GLU C 182 9.80 6.63 -31.95
CA GLU C 182 8.41 7.08 -31.90
C GLU C 182 7.42 6.02 -32.38
N ASP C 183 7.84 5.16 -33.30
CA ASP C 183 6.95 4.12 -33.81
C ASP C 183 6.58 3.15 -32.69
N GLU C 184 7.58 2.72 -31.93
CA GLU C 184 7.33 1.80 -30.83
C GLU C 184 6.50 2.49 -29.76
N LEU C 185 6.74 3.78 -29.59
CA LEU C 185 6.00 4.56 -28.60
C LEU C 185 4.53 4.62 -28.99
N LYS C 186 4.26 4.88 -30.26
CA LYS C 186 2.88 4.94 -30.76
C LYS C 186 2.13 3.64 -30.49
N HIS C 187 2.81 2.51 -30.69
CA HIS C 187 2.18 1.21 -30.46
C HIS C 187 1.77 1.03 -29.01
N LEU C 188 2.48 1.70 -28.11
CA LEU C 188 2.20 1.60 -26.67
C LEU C 188 1.16 2.59 -26.17
N VAL C 189 1.28 3.86 -26.56
CA VAL C 189 0.36 4.88 -26.07
C VAL C 189 -0.55 5.55 -27.08
N GLY C 190 -0.39 5.22 -28.36
CA GLY C 190 -1.23 5.84 -29.36
C GLY C 190 -0.56 7.05 -29.99
N PRO C 191 -0.97 7.46 -31.20
CA PRO C 191 -0.40 8.61 -31.91
C PRO C 191 -0.38 9.96 -31.19
N GLU C 192 -1.51 10.36 -30.62
CA GLU C 192 -1.56 11.64 -29.93
C GLU C 192 -0.63 11.73 -28.72
N LYS C 193 -0.66 10.71 -27.86
CA LYS C 193 0.21 10.71 -26.68
C LYS C 193 1.67 10.55 -27.11
N ALA C 194 1.89 9.75 -28.15
CA ALA C 194 3.24 9.50 -28.64
C ALA C 194 3.88 10.79 -29.15
N ALA C 195 3.09 11.65 -29.76
CA ALA C 195 3.59 12.92 -30.28
C ALA C 195 4.04 13.81 -29.14
N GLU C 196 3.26 13.83 -28.06
CA GLU C 196 3.59 14.63 -26.90
C GLU C 196 4.86 14.15 -26.19
N LEU C 197 5.10 12.84 -26.21
CA LEU C 197 6.26 12.26 -25.54
C LEU C 197 7.45 11.99 -26.47
N ALA C 198 7.29 12.32 -27.75
CA ALA C 198 8.35 12.08 -28.73
C ALA C 198 9.74 12.59 -28.33
N PHE C 199 9.79 13.73 -27.67
CA PHE C 199 11.06 14.30 -27.27
C PHE C 199 11.83 13.44 -26.26
N LEU C 200 11.13 12.52 -25.61
CA LEU C 200 11.75 11.64 -24.63
C LEU C 200 12.19 10.31 -25.22
N ALA C 201 11.99 10.12 -26.52
CA ALA C 201 12.37 8.88 -27.18
C ALA C 201 13.46 9.10 -28.23
N HIS C 202 14.25 8.07 -28.49
CA HIS C 202 15.31 8.15 -29.49
C HIS C 202 14.66 8.34 -30.86
N HIS C 203 15.46 8.78 -31.84
CA HIS C 203 14.95 8.99 -33.19
C HIS C 203 15.49 7.93 -34.14
N9 GUN D . -13.64 -1.01 24.96
C8 GUN D . -13.90 0.31 25.20
N7 GUN D . -13.28 1.14 24.39
C5 GUN D . -12.56 0.31 23.55
C6 GUN D . -11.67 0.63 22.45
O6 GUN D . -11.36 1.73 22.01
N1 GUN D . -11.13 -0.54 21.86
C2 GUN D . -11.40 -1.85 22.29
N2 GUN D . -10.81 -2.84 21.62
N3 GUN D . -12.23 -2.14 23.31
C4 GUN D . -12.77 -1.02 23.90
C1 EDO E . 4.33 -0.25 20.34
O1 EDO E . 4.03 0.65 21.42
C2 EDO E . 3.69 0.25 19.09
O2 EDO E . 2.26 -0.01 18.97
C1 EDO F . -10.04 0.65 -4.60
O1 EDO F . -11.26 1.24 -5.09
C2 EDO F . -8.96 1.69 -4.58
O2 EDO F . -9.21 2.83 -3.70
C ACY G . -8.79 -1.44 19.08
O ACY G . -9.43 -0.37 19.81
OXT ACY G . -8.81 -2.60 19.47
CH3 ACY G . -8.11 -1.03 17.79
N9 GUN H . 7.53 -9.49 1.51
C8 GUN H . 7.67 -10.44 0.55
N7 GUN H . 6.69 -11.30 0.47
C5 GUN H . 5.80 -10.88 1.46
C6 GUN H . 4.53 -11.41 1.87
O6 GUN H . 3.92 -12.38 1.42
N1 GUN H . 3.97 -10.65 2.93
C2 GUN H . 4.58 -9.53 3.52
N2 GUN H . 3.94 -8.93 4.51
N3 GUN H . 5.77 -9.05 3.12
C4 GUN H . 6.33 -9.76 2.10
C1 EDO I . 11.77 -9.78 10.78
O1 EDO I . 10.68 -10.57 10.25
C2 EDO I . 12.71 -9.43 9.66
O2 EDO I . 13.94 -8.77 10.07
C1 EDO J . 11.61 -11.69 6.48
O1 EDO J . 10.50 -12.25 5.76
C2 EDO J . 12.81 -11.67 5.60
O2 EDO J . 13.81 -10.66 5.93
C1 EDO K . -21.89 -4.36 6.28
O1 EDO K . -21.46 -5.49 5.49
C2 EDO K . -21.98 -3.14 5.40
O2 EDO K . -21.40 -3.27 4.07
N9 GUN L . 21.54 1.91 -16.48
C8 GUN L . 21.39 2.20 -17.80
N7 GUN L . 22.45 2.01 -18.53
C5 GUN L . 23.40 1.56 -17.62
C6 GUN L . 24.78 1.17 -17.81
O6 GUN L . 25.45 1.16 -18.86
N1 GUN L . 25.38 0.76 -16.59
C2 GUN L . 24.73 0.73 -15.34
N2 GUN L . 25.43 0.32 -14.30
N3 GUN L . 23.43 1.10 -15.18
C4 GUN L . 22.83 1.49 -16.35
C1 EDO M . 13.58 -8.88 -9.86
O1 EDO M . 13.51 -8.93 -11.29
C2 EDO M . 13.38 -7.47 -9.39
O2 EDO M . 14.42 -6.53 -9.77
#